data_4XHZ
#
_entry.id   4XHZ
#
_cell.length_a   157.929
_cell.length_b   157.929
_cell.length_c   142.898
_cell.angle_alpha   90.00
_cell.angle_beta   90.00
_cell.angle_gamma   120.00
#
_symmetry.space_group_name_H-M   'P 63 2 2'
#
loop_
_entity.id
_entity.type
_entity.pdbx_description
1 polymer Protocadherin-15
2 non-polymer 'CALCIUM ION'
3 non-polymer 'CHLORIDE ION'
4 water water
#
_entity_poly.entity_id   1
_entity_poly.type   'polypeptide(L)'
_entity_poly.pdbx_seq_one_letter_code
;MSPVFTNSTYTVLVEENLPAGTTILQIEAKDVDLGANVSYRIRSPEVKHFFALHPFTGELSLLRSLDYEAFPDQEASITF
LVEAFDIYGTMPPGIATVTVIVKDMNDYPPVFSKRIYKGMVAPDAVKGTPITTVYAEDADPPGLPASRVRYRVDDVQFPY
PASIFEVEEDSGRVITRVNLNEEPTTIFKLVVVAFDDGEPVMSSSATVKILVLHPGEIPRFTQEEYRPPPVSELATKGTM
VGVISAAAINQSIVYSIVSGNEEDTFGINNITGVIYVNGPLDYETRTSYVLRVQADSLEVVLANLRVPSKSNTAKVYIEI
QDENNHPPVFLEHHHHHH
;
_entity_poly.pdbx_strand_id   A
#
# COMPACT_ATOMS: atom_id res chain seq x y z
N SER A 2 39.31 25.26 42.02
CA SER A 2 38.86 25.40 40.59
C SER A 2 39.30 24.24 39.68
N PRO A 3 38.42 23.24 39.49
CA PRO A 3 38.77 22.01 38.76
C PRO A 3 39.17 22.31 37.33
N VAL A 4 39.98 21.44 36.73
CA VAL A 4 40.38 21.60 35.33
C VAL A 4 39.94 20.40 34.53
N PHE A 5 39.25 20.65 33.43
CA PHE A 5 38.73 19.59 32.61
C PHE A 5 39.85 18.79 31.95
N THR A 6 39.69 17.48 31.91
CA THR A 6 40.64 16.63 31.23
C THR A 6 40.81 17.03 29.76
N ASN A 7 39.72 17.39 29.09
CA ASN A 7 39.81 18.03 27.77
C ASN A 7 39.02 19.31 27.81
N SER A 8 39.52 20.35 27.18
CA SER A 8 38.86 21.63 27.29
C SER A 8 37.72 21.76 26.29
N THR A 9 37.63 20.80 25.38
CA THR A 9 36.49 20.72 24.49
C THR A 9 36.17 19.26 24.14
N TYR A 10 34.89 18.96 23.98
CA TYR A 10 34.44 17.64 23.66
C TYR A 10 33.61 17.74 22.41
N THR A 11 33.81 16.80 21.51
CA THR A 11 32.96 16.66 20.32
C THR A 11 32.47 15.24 20.27
N VAL A 12 31.20 15.05 19.95
CA VAL A 12 30.64 13.72 19.92
C VAL A 12 29.59 13.61 18.81
N LEU A 13 29.60 12.49 18.08
CA LEU A 13 28.64 12.22 17.01
C LEU A 13 27.56 11.32 17.54
N VAL A 14 26.30 11.71 17.35
CA VAL A 14 25.19 11.02 17.98
C VAL A 14 24.09 10.72 16.96
N GLU A 15 23.74 9.45 16.83
CA GLU A 15 22.70 9.05 15.91
C GLU A 15 21.37 9.68 16.28
N GLU A 16 20.67 10.19 15.27
CA GLU A 16 19.29 10.62 15.49
C GLU A 16 18.43 9.43 15.85
N ASN A 17 17.35 9.67 16.59
CA ASN A 17 16.40 8.60 16.91
C ASN A 17 16.91 7.58 17.91
N LEU A 18 17.92 7.92 18.70
CA LEU A 18 18.22 7.12 19.88
C LEU A 18 17.21 7.57 20.93
N PRO A 19 16.78 6.65 21.82
CA PRO A 19 15.71 6.98 22.78
C PRO A 19 16.17 7.88 23.92
N ALA A 20 15.20 8.57 24.53
CA ALA A 20 15.47 9.32 25.74
C ALA A 20 16.19 8.43 26.75
N GLY A 21 17.19 8.99 27.43
CA GLY A 21 17.93 8.24 28.46
C GLY A 21 19.33 7.84 28.02
N THR A 22 19.56 7.80 26.72
CA THR A 22 20.84 7.34 26.23
C THR A 22 21.97 8.25 26.68
N THR A 23 22.92 7.67 27.38
CA THR A 23 24.12 8.36 27.73
C THR A 23 24.97 8.49 26.50
N ILE A 24 25.43 9.70 26.21
CA ILE A 24 26.14 9.94 24.97
C ILE A 24 27.53 10.48 25.18
N LEU A 25 27.84 10.87 26.40
CA LEU A 25 29.17 11.45 26.71
C LEU A 25 29.44 11.46 28.19
N GLN A 26 30.70 11.24 28.55
CA GLN A 26 31.11 11.44 29.93
C GLN A 26 32.24 12.45 30.02
N ILE A 27 32.09 13.45 30.87
CA ILE A 27 33.12 14.45 31.01
C ILE A 27 33.82 14.31 32.35
N GLU A 28 34.95 14.98 32.49
CA GLU A 28 35.73 14.83 33.70
C GLU A 28 36.61 16.04 33.97
N ALA A 29 36.61 16.49 35.22
CA ALA A 29 37.50 17.54 35.68
C ALA A 29 38.14 17.08 36.97
N LYS A 30 39.33 17.58 37.29
CA LYS A 30 40.02 17.17 38.51
C LYS A 30 40.24 18.36 39.42
N ASP A 31 39.98 18.16 40.71
CA ASP A 31 40.34 19.17 41.70
C ASP A 31 41.75 18.86 42.16
N VAL A 32 42.69 19.72 41.83
CA VAL A 32 44.09 19.41 42.07
C VAL A 32 44.39 19.35 43.57
N ASP A 33 43.67 20.11 44.38
CA ASP A 33 43.86 20.14 45.83
C ASP A 33 43.26 18.95 46.54
N LEU A 34 41.96 18.75 46.34
CA LEU A 34 41.24 17.74 47.11
C LEU A 34 41.18 16.39 46.43
N GLY A 35 41.40 16.36 45.12
CA GLY A 35 41.35 15.09 44.40
C GLY A 35 40.01 14.35 44.47
N ALA A 36 38.95 15.04 44.86
CA ALA A 36 37.64 14.41 44.91
C ALA A 36 36.43 15.35 44.98
N ASN A 37 35.26 14.73 44.82
CA ASN A 37 33.98 15.39 44.94
C ASN A 37 33.80 16.59 44.03
N VAL A 38 34.34 16.50 42.83
CA VAL A 38 34.04 17.48 41.81
C VAL A 38 32.62 17.23 41.33
N SER A 39 31.90 18.30 41.00
CA SER A 39 30.54 18.16 40.46
C SER A 39 30.36 18.99 39.19
N TYR A 40 29.38 18.62 38.38
CA TYR A 40 29.23 19.17 37.05
C TYR A 40 27.86 19.76 36.83
N ARG A 41 27.75 20.70 35.91
CA ARG A 41 26.48 21.34 35.65
C ARG A 41 26.50 21.89 34.22
N ILE A 42 25.37 21.84 33.54
CA ILE A 42 25.23 22.49 32.25
C ILE A 42 24.99 23.96 32.48
N ARG A 43 25.76 24.77 31.78
CA ARG A 43 25.74 26.21 31.98
C ARG A 43 24.90 26.96 30.94
N SER A 44 24.79 26.42 29.72
CA SER A 44 23.95 27.02 28.68
C SER A 44 22.47 26.58 28.88
N PRO A 45 21.64 27.38 29.58
CA PRO A 45 20.32 26.85 29.99
C PRO A 45 19.41 26.45 28.83
N GLU A 46 19.64 27.00 27.64
CA GLU A 46 18.83 26.67 26.48
C GLU A 46 18.99 25.23 25.97
N VAL A 47 19.95 24.47 26.50
CA VAL A 47 20.12 23.10 25.98
C VAL A 47 19.59 22.07 26.95
N LYS A 48 19.05 22.51 28.08
CA LYS A 48 18.38 21.59 28.96
C LYS A 48 17.11 21.07 28.27
N HIS A 49 16.76 21.68 27.13
CA HIS A 49 15.74 21.12 26.28
C HIS A 49 16.18 19.74 25.74
N PHE A 50 17.46 19.62 25.38
CA PHE A 50 17.97 18.37 24.82
C PHE A 50 18.61 17.40 25.82
N PHE A 51 19.43 17.91 26.72
CA PHE A 51 20.29 17.05 27.54
C PHE A 51 20.15 17.23 29.04
N ALA A 52 20.61 16.20 29.75
CA ALA A 52 20.80 16.29 31.19
C ALA A 52 22.22 15.82 31.47
N LEU A 53 22.80 16.40 32.50
CA LEU A 53 24.17 16.09 32.86
C LEU A 53 24.17 15.65 34.31
N HIS A 54 24.55 14.41 34.58
CA HIS A 54 24.52 13.95 35.96
C HIS A 54 25.57 14.69 36.80
N PRO A 55 25.13 15.32 37.91
CA PRO A 55 25.97 16.26 38.66
C PRO A 55 27.22 15.62 39.24
N PHE A 56 27.22 14.32 39.49
CA PHE A 56 28.40 13.70 40.10
C PHE A 56 29.20 12.76 39.18
N THR A 57 28.52 12.09 38.26
CA THR A 57 29.21 11.16 37.36
C THR A 57 29.72 11.86 36.12
N GLY A 58 29.09 12.98 35.77
CA GLY A 58 29.51 13.73 34.60
C GLY A 58 29.01 13.14 33.30
N GLU A 59 28.03 12.24 33.42
CA GLU A 59 27.44 11.62 32.25
C GLU A 59 26.37 12.49 31.62
N LEU A 60 26.49 12.72 30.32
CA LEU A 60 25.52 13.50 29.58
C LEU A 60 24.56 12.55 28.85
N SER A 61 23.27 12.86 28.89
CA SER A 61 22.27 11.98 28.27
C SER A 61 21.16 12.78 27.60
N LEU A 62 20.45 12.10 26.70
CA LEU A 62 19.34 12.73 26.00
C LEU A 62 18.11 12.73 26.87
N LEU A 63 17.44 13.86 26.93
CA LEU A 63 16.12 13.93 27.52
C LEU A 63 15.05 13.61 26.48
N ARG A 64 15.39 13.72 25.21
CA ARG A 64 14.48 13.45 24.11
C ARG A 64 15.31 13.01 22.90
N SER A 65 14.72 12.20 22.03
CA SER A 65 15.49 11.69 20.92
C SER A 65 15.79 12.83 19.96
N LEU A 66 16.94 12.78 19.30
CA LEU A 66 17.27 13.81 18.33
C LEU A 66 16.67 13.50 16.97
N ASP A 67 16.43 14.55 16.18
CA ASP A 67 15.93 14.39 14.80
C ASP A 67 16.77 15.22 13.80
N TYR A 68 17.59 14.53 13.02
CA TYR A 68 18.44 15.20 12.04
C TYR A 68 17.69 16.24 11.20
N GLU A 69 16.56 15.82 10.65
CA GLU A 69 15.79 16.64 9.73
C GLU A 69 15.14 17.86 10.39
N ALA A 70 15.12 17.89 11.71
CA ALA A 70 14.43 18.95 12.42
C ALA A 70 15.30 20.19 12.55
N PHE A 71 16.57 20.07 12.18
CA PHE A 71 17.49 21.20 12.26
C PHE A 71 17.54 21.93 10.94
N PRO A 72 17.84 23.23 10.99
CA PRO A 72 18.08 23.97 9.73
C PRO A 72 19.15 23.25 8.91
N ASP A 73 19.17 23.45 7.60
CA ASP A 73 20.16 22.80 6.78
C ASP A 73 21.58 23.17 7.25
N GLN A 74 22.43 22.17 7.49
CA GLN A 74 23.85 22.41 7.83
C GLN A 74 24.08 22.70 9.30
N GLU A 75 22.99 22.73 10.06
CA GLU A 75 23.03 23.16 11.44
C GLU A 75 22.63 22.08 12.41
N ALA A 76 22.75 20.82 11.99
CA ALA A 76 22.43 19.70 12.85
C ALA A 76 23.55 19.42 13.85
N SER A 77 23.88 20.43 14.65
CA SER A 77 24.80 20.27 15.76
C SER A 77 24.61 21.36 16.82
N ILE A 78 24.77 20.97 18.08
CA ILE A 78 24.51 21.83 19.21
C ILE A 78 25.78 21.99 20.03
N THR A 79 26.15 23.23 20.29
CA THR A 79 27.36 23.53 21.02
C THR A 79 27.04 24.33 22.28
N PHE A 80 27.66 23.98 23.39
CA PHE A 80 27.28 24.60 24.66
C PHE A 80 28.38 24.51 25.70
N LEU A 81 28.18 25.20 26.82
CA LEU A 81 29.15 25.21 27.90
C LEU A 81 28.72 24.33 29.06
N VAL A 82 29.68 23.60 29.62
CA VAL A 82 29.49 22.85 30.86
C VAL A 82 30.47 23.37 31.90
N GLU A 83 30.14 23.23 33.18
CA GLU A 83 31.03 23.74 34.24
C GLU A 83 31.29 22.72 35.34
N ALA A 84 32.46 22.81 35.97
CA ALA A 84 32.79 21.90 37.11
C ALA A 84 33.19 22.67 38.34
N PHE A 85 32.62 22.28 39.50
CA PHE A 85 32.92 22.93 40.78
C PHE A 85 33.61 21.98 41.73
N ASP A 86 34.39 22.54 42.65
CA ASP A 86 34.93 21.74 43.74
C ASP A 86 33.82 21.50 44.75
N ILE A 87 34.08 20.64 45.73
CA ILE A 87 33.05 20.28 46.68
C ILE A 87 32.34 21.51 47.25
N TYR A 88 33.08 22.60 47.47
CA TYR A 88 32.51 23.81 48.10
C TYR A 88 31.64 24.62 47.19
N GLY A 89 31.83 24.51 45.88
CA GLY A 89 31.08 25.33 44.94
C GLY A 89 31.77 26.67 44.78
N THR A 90 33.07 26.65 45.02
CA THR A 90 33.92 27.81 44.84
C THR A 90 33.73 28.47 43.50
N MET A 91 33.68 29.81 43.50
CA MET A 91 33.60 30.55 42.24
C MET A 91 34.96 30.73 41.56
N PRO A 92 34.92 31.28 40.34
CA PRO A 92 34.68 30.55 39.08
C PRO A 92 34.94 29.06 39.06
N PRO A 93 34.03 28.32 38.42
CA PRO A 93 34.22 26.90 38.14
C PRO A 93 35.10 26.72 36.93
N GLY A 94 35.50 25.47 36.67
CA GLY A 94 36.16 25.15 35.43
C GLY A 94 35.09 25.16 34.37
N ILE A 95 35.49 25.41 33.14
CA ILE A 95 34.54 25.53 32.07
C ILE A 95 35.06 24.80 30.84
N ALA A 96 34.19 24.04 30.16
CA ALA A 96 34.57 23.40 28.90
C ALA A 96 33.46 23.53 27.87
N THR A 97 33.80 23.24 26.61
CA THR A 97 32.83 23.29 25.53
C THR A 97 32.41 21.89 25.09
N VAL A 98 31.12 21.72 24.83
CA VAL A 98 30.65 20.46 24.30
C VAL A 98 29.96 20.68 22.97
N THR A 99 30.27 19.82 22.01
CA THR A 99 29.60 19.89 20.72
C THR A 99 29.03 18.52 20.38
N VAL A 100 27.70 18.46 20.30
CA VAL A 100 27.00 17.26 19.90
C VAL A 100 26.59 17.42 18.46
N ILE A 101 27.14 16.57 17.60
CA ILE A 101 26.78 16.55 16.18
C ILE A 101 25.80 15.42 15.91
N VAL A 102 24.68 15.77 15.28
CA VAL A 102 23.64 14.77 14.99
C VAL A 102 23.89 14.04 13.68
N LYS A 103 23.97 12.70 13.74
CA LYS A 103 24.18 11.91 12.52
C LYS A 103 22.87 11.55 11.86
N ASP A 104 22.78 11.79 10.55
CA ASP A 104 21.59 11.43 9.80
C ASP A 104 21.38 9.90 9.72
N MET A 105 20.14 9.45 9.85
CA MET A 105 19.84 8.01 9.78
C MET A 105 18.62 7.77 8.92
N ASN A 106 18.41 6.53 8.55
CA ASN A 106 17.25 6.18 7.75
C ASN A 106 15.97 6.29 8.64
N ASP A 107 14.98 7.07 8.20
CA ASP A 107 13.78 7.32 9.03
C ASP A 107 12.57 6.43 8.74
N TYR A 108 12.28 6.20 7.46
CA TYR A 108 11.05 5.52 7.09
C TYR A 108 11.25 4.22 6.36
N PRO A 109 10.33 3.27 6.57
CA PRO A 109 10.33 2.07 5.77
C PRO A 109 9.66 2.40 4.46
N PRO A 110 9.88 1.55 3.44
CA PRO A 110 9.10 1.64 2.23
C PRO A 110 7.65 1.29 2.54
N VAL A 111 6.72 1.90 1.81
CA VAL A 111 5.33 1.65 2.06
C VAL A 111 4.66 1.20 0.77
N PHE A 112 3.90 0.11 0.85
CA PHE A 112 3.28 -0.47 -0.35
C PHE A 112 2.09 0.33 -0.79
N SER A 113 1.82 0.35 -2.08
CA SER A 113 0.70 1.09 -2.59
C SER A 113 -0.64 0.45 -2.15
N LYS A 114 -0.62 -0.83 -1.77
CA LYS A 114 -1.82 -1.50 -1.24
C LYS A 114 -1.43 -2.49 -0.16
N ARG A 115 -2.39 -2.87 0.67
CA ARG A 115 -2.13 -3.86 1.70
C ARG A 115 -2.27 -5.24 1.10
N ILE A 116 -3.11 -5.32 0.07
CA ILE A 116 -3.42 -6.58 -0.57
C ILE A 116 -3.54 -6.41 -2.08
N TYR A 117 -2.69 -7.14 -2.80
CA TYR A 117 -2.74 -7.21 -4.27
C TYR A 117 -3.36 -8.52 -4.71
N LYS A 118 -4.07 -8.50 -5.82
CA LYS A 118 -4.64 -9.72 -6.36
C LYS A 118 -4.05 -10.01 -7.72
N GLY A 119 -3.91 -11.28 -8.04
CA GLY A 119 -3.54 -11.66 -9.39
C GLY A 119 -3.97 -13.10 -9.68
N MET A 120 -3.77 -13.51 -10.93
CA MET A 120 -4.12 -14.84 -11.34
C MET A 120 -2.97 -15.55 -12.01
N VAL A 121 -3.04 -16.88 -12.03
CA VAL A 121 -2.04 -17.67 -12.70
C VAL A 121 -2.64 -19.00 -13.13
N ALA A 122 -2.17 -19.52 -14.25
CA ALA A 122 -2.66 -20.79 -14.75
C ALA A 122 -2.15 -21.96 -13.90
N PRO A 123 -2.98 -22.98 -13.72
CA PRO A 123 -2.54 -24.21 -13.02
C PRO A 123 -1.26 -24.83 -13.58
N ASP A 124 -1.02 -24.71 -14.88
CA ASP A 124 0.19 -25.30 -15.51
C ASP A 124 1.19 -24.25 -16.00
N ALA A 125 1.15 -23.06 -15.44
CA ALA A 125 1.99 -21.96 -15.95
C ALA A 125 3.48 -22.24 -15.89
N VAL A 126 4.17 -22.03 -17.00
CA VAL A 126 5.62 -22.21 -17.01
C VAL A 126 6.36 -21.17 -16.17
N LYS A 127 7.56 -21.54 -15.75
CA LYS A 127 8.43 -20.68 -14.98
C LYS A 127 8.57 -19.34 -15.68
N GLY A 128 8.41 -18.26 -14.94
CA GLY A 128 8.56 -16.92 -15.50
C GLY A 128 7.30 -16.26 -16.03
N THR A 129 6.15 -16.91 -15.83
CA THR A 129 4.87 -16.30 -16.14
C THR A 129 4.61 -15.09 -15.24
N PRO A 130 4.27 -13.94 -15.85
CA PRO A 130 3.95 -12.74 -15.06
C PRO A 130 2.60 -12.88 -14.39
N ILE A 131 2.49 -12.36 -13.18
CA ILE A 131 1.27 -12.46 -12.44
C ILE A 131 0.79 -11.05 -12.08
N THR A 132 1.64 -10.27 -11.44
CA THR A 132 1.28 -8.90 -11.13
C THR A 132 2.50 -8.14 -10.70
N THR A 133 2.34 -6.84 -10.49
CA THR A 133 3.44 -6.04 -9.99
C THR A 133 3.08 -5.41 -8.66
N VAL A 134 4.01 -5.44 -7.69
CA VAL A 134 3.80 -4.69 -6.46
C VAL A 134 4.68 -3.44 -6.47
N TYR A 135 4.33 -2.48 -5.62
CA TYR A 135 5.01 -1.20 -5.66
C TYR A 135 5.06 -0.53 -4.28
N ALA A 136 6.24 -0.04 -3.92
CA ALA A 136 6.42 0.66 -2.64
C ALA A 136 7.30 1.90 -2.79
N GLU A 137 6.98 2.93 -2.01
CA GLU A 137 7.73 4.18 -2.05
C GLU A 137 8.37 4.44 -0.71
N ASP A 138 9.46 5.20 -0.74
CA ASP A 138 10.22 5.46 0.47
C ASP A 138 10.33 6.94 0.69
N ALA A 139 9.80 7.38 1.83
CA ALA A 139 9.76 8.80 2.17
C ALA A 139 11.15 9.49 2.40
N ASP A 140 12.22 8.72 2.58
CA ASP A 140 13.54 9.32 2.83
C ASP A 140 14.08 10.07 1.60
N PRO A 141 15.02 11.01 1.84
CA PRO A 141 15.69 11.77 0.77
C PRO A 141 15.93 10.92 -0.48
N PRO A 142 15.42 11.37 -1.64
CA PRO A 142 15.46 10.56 -2.87
C PRO A 142 16.86 10.44 -3.49
N GLY A 143 17.14 9.29 -4.12
CA GLY A 143 18.44 9.02 -4.72
C GLY A 143 19.51 8.53 -3.74
N LEU A 144 19.13 8.25 -2.50
CA LEU A 144 20.05 7.71 -1.51
C LEU A 144 19.77 6.24 -1.22
N PRO A 145 20.80 5.51 -0.79
CA PRO A 145 20.59 4.11 -0.41
C PRO A 145 19.44 3.92 0.61
N ALA A 146 19.07 4.97 1.33
CA ALA A 146 18.03 4.86 2.34
C ALA A 146 16.60 5.00 1.76
N SER A 147 16.51 5.43 0.50
CA SER A 147 15.22 5.49 -0.18
C SER A 147 15.27 4.66 -1.47
N ARG A 148 16.08 3.61 -1.43
CA ARG A 148 16.21 2.71 -2.57
C ARG A 148 15.48 1.42 -2.24
N VAL A 149 14.42 1.17 -3.00
CA VAL A 149 13.51 0.09 -2.68
C VAL A 149 13.92 -1.22 -3.37
N ARG A 150 13.86 -2.32 -2.62
CA ARG A 150 14.05 -3.66 -3.17
C ARG A 150 12.93 -4.56 -2.67
N TYR A 151 12.57 -5.56 -3.46
CA TYR A 151 11.51 -6.45 -3.04
C TYR A 151 12.04 -7.88 -2.89
N ARG A 152 11.35 -8.66 -2.05
CA ARG A 152 11.59 -10.10 -1.95
C ARG A 152 10.35 -10.76 -1.40
N VAL A 153 10.30 -12.09 -1.45
CA VAL A 153 9.18 -12.77 -0.82
C VAL A 153 9.58 -13.15 0.58
N ASP A 154 8.59 -13.52 1.39
CA ASP A 154 8.85 -13.98 2.74
C ASP A 154 8.16 -15.32 2.96
N ASP A 155 8.85 -16.22 3.65
CA ASP A 155 8.36 -17.58 3.80
C ASP A 155 8.01 -17.94 5.23
N VAL A 156 8.06 -16.97 6.12
CA VAL A 156 7.77 -17.24 7.53
C VAL A 156 6.32 -17.67 7.73
N GLN A 157 5.36 -16.86 7.32
CA GLN A 157 3.98 -17.24 7.55
C GLN A 157 3.36 -18.20 6.51
N PHE A 158 3.77 -18.06 5.24
CA PHE A 158 3.22 -18.91 4.19
C PHE A 158 4.32 -19.42 3.27
N PRO A 159 5.06 -20.45 3.72
CA PRO A 159 6.28 -20.90 3.02
C PRO A 159 6.03 -21.48 1.62
N TYR A 160 4.86 -22.06 1.38
CA TYR A 160 4.67 -22.78 0.12
C TYR A 160 4.61 -21.87 -1.11
N PRO A 161 3.75 -20.84 -1.06
CA PRO A 161 3.72 -19.82 -2.10
C PRO A 161 5.11 -19.28 -2.39
N ALA A 162 5.91 -19.09 -1.36
CA ALA A 162 7.23 -18.51 -1.54
C ALA A 162 8.12 -19.45 -2.35
N SER A 163 7.73 -20.71 -2.43
CA SER A 163 8.53 -21.69 -3.16
C SER A 163 8.09 -21.83 -4.61
N ILE A 164 6.88 -21.36 -4.94
CA ILE A 164 6.47 -21.40 -6.34
C ILE A 164 6.38 -20.02 -7.00
N PHE A 165 6.38 -18.96 -6.21
CA PHE A 165 6.38 -17.60 -6.77
C PHE A 165 7.63 -16.82 -6.37
N GLU A 166 8.00 -15.83 -7.18
CA GLU A 166 9.10 -14.95 -6.81
C GLU A 166 8.81 -13.54 -7.27
N VAL A 167 9.55 -12.59 -6.72
CA VAL A 167 9.37 -11.22 -7.11
C VAL A 167 10.73 -10.68 -7.53
N GLU A 168 10.76 -9.88 -8.58
CA GLU A 168 12.02 -9.38 -9.08
C GLU A 168 12.50 -8.27 -8.16
N GLU A 169 13.74 -8.40 -7.72
CA GLU A 169 14.29 -7.54 -6.68
C GLU A 169 14.07 -6.05 -6.92
N ASP A 170 14.20 -5.62 -8.17
CA ASP A 170 14.11 -4.19 -8.48
C ASP A 170 12.77 -3.75 -9.04
N SER A 171 12.14 -4.55 -9.88
CA SER A 171 10.93 -4.09 -10.55
C SER A 171 9.65 -4.37 -9.77
N GLY A 172 9.71 -5.31 -8.84
CA GLY A 172 8.50 -5.69 -8.12
C GLY A 172 7.51 -6.53 -8.92
N ARG A 173 7.92 -6.98 -10.12
CA ARG A 173 7.10 -7.95 -10.90
C ARG A 173 7.07 -9.27 -10.17
N VAL A 174 5.86 -9.78 -9.91
CA VAL A 174 5.71 -11.10 -9.29
C VAL A 174 5.49 -12.15 -10.38
N ILE A 175 6.27 -13.22 -10.35
CA ILE A 175 6.19 -14.22 -11.39
C ILE A 175 6.31 -15.64 -10.83
N THR A 176 6.01 -16.64 -11.64
CA THR A 176 6.18 -18.02 -11.19
C THR A 176 7.67 -18.34 -11.06
N ARG A 177 8.05 -18.98 -9.97
CA ARG A 177 9.44 -19.35 -9.75
C ARG A 177 9.79 -20.61 -10.52
N VAL A 178 8.79 -21.45 -10.76
CA VAL A 178 9.01 -22.76 -11.40
C VAL A 178 7.82 -23.08 -12.25
N ASN A 179 7.88 -24.15 -13.04
CA ASN A 179 6.70 -24.60 -13.77
C ASN A 179 5.64 -25.06 -12.79
N LEU A 180 4.42 -24.57 -12.91
CA LEU A 180 3.41 -24.86 -11.89
C LEU A 180 2.67 -26.12 -12.21
N ASN A 181 2.16 -26.73 -11.15
CA ASN A 181 1.18 -27.80 -11.27
C ASN A 181 0.21 -27.74 -10.08
N GLU A 182 -0.78 -26.86 -10.14
CA GLU A 182 -1.62 -26.56 -8.99
C GLU A 182 -3.11 -26.77 -9.31
N GLU A 183 -3.98 -26.66 -8.30
CA GLU A 183 -5.43 -26.90 -8.48
C GLU A 183 -6.15 -25.64 -8.87
N PRO A 184 -6.92 -25.69 -9.96
CA PRO A 184 -7.77 -24.56 -10.31
C PRO A 184 -8.61 -24.17 -9.10
N THR A 185 -8.78 -22.88 -8.88
CA THR A 185 -9.68 -22.43 -7.83
C THR A 185 -8.98 -22.14 -6.50
N THR A 186 -7.74 -22.55 -6.39
CA THR A 186 -6.95 -22.29 -5.20
C THR A 186 -6.54 -20.82 -5.14
N ILE A 187 -6.47 -20.29 -3.93
CA ILE A 187 -6.00 -18.94 -3.73
C ILE A 187 -4.85 -18.94 -2.76
N PHE A 188 -3.64 -18.69 -3.25
CA PHE A 188 -2.46 -18.60 -2.39
C PHE A 188 -2.30 -17.20 -1.80
N LYS A 189 -1.73 -17.12 -0.62
CA LYS A 189 -1.33 -15.84 -0.07
C LYS A 189 0.18 -15.80 -0.11
N LEU A 190 0.74 -14.88 -0.88
CA LEU A 190 2.19 -14.73 -0.94
C LEU A 190 2.57 -13.46 -0.26
N VAL A 191 3.46 -13.55 0.71
CA VAL A 191 3.89 -12.36 1.42
C VAL A 191 5.11 -11.76 0.77
N VAL A 192 5.01 -10.50 0.38
CA VAL A 192 6.17 -9.83 -0.18
C VAL A 192 6.62 -8.74 0.78
N VAL A 193 7.89 -8.41 0.71
CA VAL A 193 8.51 -7.46 1.61
C VAL A 193 9.26 -6.42 0.80
N ALA A 194 9.04 -5.15 1.10
CA ALA A 194 9.88 -4.09 0.56
C ALA A 194 10.85 -3.61 1.61
N PHE A 195 12.13 -3.62 1.27
CA PHE A 195 13.14 -3.15 2.19
C PHE A 195 14.06 -2.15 1.50
N ASP A 196 14.61 -1.20 2.27
CA ASP A 196 15.54 -0.22 1.71
C ASP A 196 17.00 -0.57 2.00
N ASP A 197 17.87 0.41 1.85
CA ASP A 197 19.29 0.21 2.09
C ASP A 197 19.85 1.37 2.94
N GLY A 198 19.27 1.56 4.12
CA GLY A 198 19.68 2.64 4.97
C GLY A 198 20.25 2.09 6.25
N GLU A 199 20.76 2.99 7.08
CA GLU A 199 21.26 2.63 8.38
C GLU A 199 20.11 2.95 9.33
N PRO A 200 19.87 1.98 10.24
CA PRO A 200 19.51 0.65 9.75
C PRO A 200 18.58 0.48 8.59
N VAL A 201 18.29 -0.79 8.31
CA VAL A 201 17.45 -1.15 7.20
C VAL A 201 16.03 -1.27 7.69
N MET A 202 15.08 -0.76 6.90
CA MET A 202 13.69 -0.81 7.28
C MET A 202 12.87 -1.47 6.17
N SER A 203 11.72 -2.03 6.56
CA SER A 203 10.93 -2.78 5.63
C SER A 203 9.50 -2.90 6.08
N SER A 204 8.60 -3.08 5.14
CA SER A 204 7.24 -3.45 5.47
C SER A 204 6.84 -4.51 4.51
N SER A 205 5.62 -5.00 4.64
CA SER A 205 5.22 -6.08 3.81
C SER A 205 3.76 -6.00 3.38
N ALA A 206 3.42 -6.75 2.34
CA ALA A 206 2.06 -6.81 1.87
C ALA A 206 1.74 -8.22 1.47
N THR A 207 0.53 -8.43 0.98
CA THR A 207 0.09 -9.75 0.57
C THR A 207 -0.36 -9.75 -0.86
N VAL A 208 0.06 -10.77 -1.60
CA VAL A 208 -0.46 -10.95 -2.93
C VAL A 208 -1.33 -12.20 -2.94
N LYS A 209 -2.62 -12.02 -3.16
CA LYS A 209 -3.51 -13.15 -3.25
C LYS A 209 -3.55 -13.60 -4.68
N ILE A 210 -3.24 -14.87 -4.90
CA ILE A 210 -3.15 -15.36 -6.25
C ILE A 210 -4.11 -16.49 -6.53
N LEU A 211 -5.00 -16.25 -7.48
CA LEU A 211 -6.02 -17.21 -7.81
C LEU A 211 -5.56 -18.08 -8.97
N VAL A 212 -5.68 -19.39 -8.82
CA VAL A 212 -5.28 -20.31 -9.86
C VAL A 212 -6.44 -20.62 -10.82
N LEU A 213 -6.28 -20.29 -12.09
CA LEU A 213 -7.32 -20.50 -13.06
C LEU A 213 -6.78 -20.39 -14.47
N HIS A 214 -7.16 -21.33 -15.34
CA HIS A 214 -6.82 -21.24 -16.76
C HIS A 214 -7.45 -20.02 -17.40
N PRO A 215 -6.65 -19.14 -18.01
CA PRO A 215 -7.23 -18.00 -18.73
C PRO A 215 -8.28 -18.46 -19.76
N GLY A 216 -8.03 -19.59 -20.41
CA GLY A 216 -8.94 -20.08 -21.42
C GLY A 216 -10.29 -20.53 -20.90
N GLU A 217 -10.42 -20.68 -19.57
CA GLU A 217 -11.68 -21.09 -18.97
C GLU A 217 -12.44 -19.93 -18.35
N ILE A 218 -12.08 -18.72 -18.75
CA ILE A 218 -12.85 -17.54 -18.47
C ILE A 218 -13.62 -17.22 -19.74
N PRO A 219 -14.96 -17.18 -19.66
CA PRO A 219 -15.76 -17.11 -20.89
C PRO A 219 -15.43 -15.91 -21.79
N ARG A 220 -15.64 -16.06 -23.09
CA ARG A 220 -15.52 -14.94 -24.05
C ARG A 220 -16.87 -14.65 -24.66
N PHE A 221 -17.42 -13.47 -24.37
CA PHE A 221 -18.69 -13.05 -25.01
C PHE A 221 -18.52 -12.93 -26.53
N THR A 222 -19.59 -13.19 -27.27
CA THR A 222 -19.52 -13.06 -28.72
C THR A 222 -19.38 -11.59 -29.13
N GLN A 223 -19.77 -10.67 -28.26
CA GLN A 223 -19.68 -9.24 -28.59
C GLN A 223 -19.29 -8.42 -27.39
N GLU A 224 -18.73 -7.24 -27.64
CA GLU A 224 -18.43 -6.30 -26.58
C GLU A 224 -19.67 -5.51 -26.18
N GLU A 225 -20.47 -5.14 -27.17
CA GLU A 225 -21.70 -4.40 -26.93
C GLU A 225 -22.83 -5.11 -27.62
N TYR A 226 -23.87 -5.44 -26.86
CA TYR A 226 -25.07 -6.04 -27.44
C TYR A 226 -26.11 -4.94 -27.66
N ARG A 227 -26.58 -4.78 -28.90
CA ARG A 227 -27.55 -3.74 -29.18
C ARG A 227 -28.85 -4.29 -29.79
N PRO A 228 -29.63 -5.02 -29.01
CA PRO A 228 -30.85 -5.61 -29.55
C PRO A 228 -31.81 -4.54 -30.06
N PRO A 229 -32.81 -4.96 -30.85
CA PRO A 229 -33.80 -4.03 -31.43
C PRO A 229 -34.61 -3.34 -30.36
N PRO A 230 -35.31 -2.27 -30.71
CA PRO A 230 -36.09 -1.54 -29.71
C PRO A 230 -37.12 -2.45 -29.06
N VAL A 231 -37.38 -2.24 -27.77
CA VAL A 231 -38.40 -2.98 -27.06
C VAL A 231 -39.61 -2.08 -26.88
N SER A 232 -40.79 -2.60 -27.22
CA SER A 232 -41.97 -1.73 -27.18
C SER A 232 -42.35 -1.37 -25.76
N GLU A 233 -42.66 -0.09 -25.56
CA GLU A 233 -43.21 0.43 -24.31
C GLU A 233 -44.32 -0.46 -23.79
N LEU A 234 -45.03 -1.11 -24.71
CA LEU A 234 -46.18 -1.96 -24.34
C LEU A 234 -45.85 -3.41 -24.06
N ALA A 235 -44.60 -3.83 -24.27
CA ALA A 235 -44.22 -5.23 -24.06
C ALA A 235 -44.76 -5.82 -22.73
N THR A 236 -45.34 -7.01 -22.84
CA THR A 236 -45.85 -7.68 -21.65
C THR A 236 -44.70 -8.42 -20.94
N LYS A 237 -44.91 -8.78 -19.68
CA LYS A 237 -43.90 -9.54 -18.94
C LYS A 237 -43.54 -10.83 -19.71
N GLY A 238 -42.25 -11.13 -19.79
CA GLY A 238 -41.79 -12.34 -20.46
C GLY A 238 -41.43 -12.14 -21.92
N THR A 239 -41.65 -10.95 -22.45
CA THR A 239 -41.26 -10.64 -23.81
C THR A 239 -39.74 -10.72 -23.94
N MET A 240 -39.26 -11.27 -25.04
CA MET A 240 -37.83 -11.39 -25.19
C MET A 240 -37.22 -10.09 -25.66
N VAL A 241 -36.18 -9.65 -24.96
CA VAL A 241 -35.44 -8.46 -25.34
C VAL A 241 -34.30 -8.77 -26.33
N GLY A 242 -33.47 -9.74 -25.98
CA GLY A 242 -32.35 -10.13 -26.80
C GLY A 242 -31.58 -11.24 -26.10
N VAL A 243 -30.46 -11.68 -26.66
CA VAL A 243 -29.76 -12.81 -26.08
C VAL A 243 -28.25 -12.60 -26.07
N ILE A 244 -27.60 -12.87 -24.95
CA ILE A 244 -26.14 -12.76 -24.94
C ILE A 244 -25.54 -14.16 -24.94
N SER A 245 -24.25 -14.27 -25.27
CA SER A 245 -23.64 -15.57 -25.45
C SER A 245 -22.12 -15.58 -25.34
N ALA A 246 -21.59 -16.63 -24.71
CA ALA A 246 -20.14 -16.81 -24.60
C ALA A 246 -19.77 -18.27 -24.77
N ALA A 247 -18.51 -18.53 -25.10
CA ALA A 247 -17.97 -19.90 -25.09
C ALA A 247 -16.74 -19.97 -24.15
N ALA A 248 -16.60 -21.08 -23.44
CA ALA A 248 -15.42 -21.36 -22.59
C ALA A 248 -15.07 -22.80 -22.76
N ILE A 249 -13.79 -23.11 -22.58
CA ILE A 249 -13.28 -24.46 -22.76
C ILE A 249 -13.67 -25.39 -21.59
N ASN A 250 -14.49 -26.39 -21.90
CA ASN A 250 -14.88 -27.45 -20.95
C ASN A 250 -15.81 -26.98 -19.84
N GLN A 251 -16.44 -25.84 -20.01
CA GLN A 251 -17.22 -25.28 -18.92
C GLN A 251 -18.68 -25.07 -19.30
N SER A 252 -19.56 -25.24 -18.32
CA SER A 252 -20.89 -24.74 -18.46
C SER A 252 -20.75 -23.29 -18.11
N ILE A 253 -21.57 -22.46 -18.74
CA ILE A 253 -21.50 -21.04 -18.51
C ILE A 253 -22.73 -20.53 -17.79
N VAL A 254 -22.52 -19.61 -16.87
CA VAL A 254 -23.61 -18.97 -16.15
C VAL A 254 -23.61 -17.46 -16.42
N TYR A 255 -24.77 -16.96 -16.84
CA TYR A 255 -24.90 -15.57 -17.21
C TYR A 255 -25.58 -14.77 -16.13
N SER A 256 -25.17 -13.53 -15.99
CA SER A 256 -25.86 -12.64 -15.08
C SER A 256 -25.83 -11.16 -15.48
N ILE A 257 -26.72 -10.40 -14.88
CA ILE A 257 -26.76 -8.97 -15.01
C ILE A 257 -26.15 -8.42 -13.75
N VAL A 258 -25.11 -7.62 -13.87
CA VAL A 258 -24.42 -7.21 -12.66
C VAL A 258 -24.68 -5.78 -12.24
N SER A 259 -25.30 -4.99 -13.10
CA SER A 259 -25.51 -3.59 -12.83
C SER A 259 -26.46 -3.02 -13.89
N GLY A 260 -27.13 -1.92 -13.59
CA GLY A 260 -28.00 -1.26 -14.57
C GLY A 260 -29.48 -1.64 -14.48
N ASN A 261 -29.79 -2.63 -13.66
CA ASN A 261 -31.14 -3.17 -13.64
C ASN A 261 -31.75 -3.05 -12.28
N GLU A 262 -31.37 -1.98 -11.58
CA GLU A 262 -31.75 -1.81 -10.18
C GLU A 262 -33.29 -1.76 -9.97
N GLU A 263 -34.07 -1.63 -11.04
CA GLU A 263 -35.54 -1.59 -10.89
C GLU A 263 -36.16 -2.94 -11.16
N ASP A 264 -35.33 -3.93 -11.48
CA ASP A 264 -35.81 -5.23 -11.90
C ASP A 264 -36.73 -5.15 -13.10
N THR A 265 -36.53 -4.14 -13.95
CA THR A 265 -37.34 -4.01 -15.15
C THR A 265 -37.04 -5.17 -16.11
N PHE A 266 -35.82 -5.68 -16.09
CA PHE A 266 -35.47 -6.82 -16.93
C PHE A 266 -35.03 -8.01 -16.11
N GLY A 267 -34.93 -9.16 -16.75
CA GLY A 267 -34.38 -10.34 -16.14
C GLY A 267 -33.57 -11.13 -17.16
N ILE A 268 -32.81 -12.09 -16.66
CA ILE A 268 -32.02 -12.94 -17.55
C ILE A 268 -32.05 -14.39 -17.12
N ASN A 269 -32.31 -15.26 -18.07
CA ASN A 269 -32.21 -16.70 -17.82
C ASN A 269 -30.74 -17.06 -17.78
N ASN A 270 -30.26 -17.41 -16.60
CA ASN A 270 -28.80 -17.50 -16.39
C ASN A 270 -28.13 -18.69 -17.11
N ILE A 271 -28.94 -19.56 -17.70
CA ILE A 271 -28.40 -20.70 -18.44
C ILE A 271 -28.43 -20.44 -19.94
N THR A 272 -29.55 -19.94 -20.45
CA THR A 272 -29.69 -19.66 -21.89
C THR A 272 -29.13 -18.30 -22.31
N GLY A 273 -29.00 -17.35 -21.38
CA GLY A 273 -28.49 -16.01 -21.71
C GLY A 273 -29.52 -15.11 -22.40
N VAL A 274 -30.79 -15.52 -22.36
CA VAL A 274 -31.86 -14.73 -22.93
C VAL A 274 -32.33 -13.68 -21.93
N ILE A 275 -32.41 -12.43 -22.38
CA ILE A 275 -32.80 -11.34 -21.53
C ILE A 275 -34.24 -11.00 -21.84
N TYR A 276 -35.06 -10.86 -20.80
CA TYR A 276 -36.51 -10.66 -21.01
C TYR A 276 -37.09 -9.50 -20.21
N VAL A 277 -38.27 -9.04 -20.64
CA VAL A 277 -38.95 -8.00 -19.91
C VAL A 277 -39.51 -8.61 -18.64
N ASN A 278 -39.30 -7.93 -17.53
CA ASN A 278 -39.64 -8.47 -16.24
C ASN A 278 -40.61 -7.62 -15.44
N GLY A 279 -40.70 -6.35 -15.79
CA GLY A 279 -41.61 -5.41 -15.13
C GLY A 279 -42.30 -4.53 -16.14
N PRO A 280 -43.08 -3.57 -15.67
CA PRO A 280 -43.76 -2.68 -16.63
C PRO A 280 -42.77 -1.67 -17.24
N LEU A 281 -43.02 -1.28 -18.48
CA LEU A 281 -42.19 -0.28 -19.15
C LEU A 281 -42.99 0.99 -19.41
N ASP A 282 -42.32 2.14 -19.36
CA ASP A 282 -42.98 3.39 -19.72
C ASP A 282 -42.02 4.40 -20.36
N TYR A 283 -42.22 4.66 -21.65
CA TYR A 283 -41.33 5.61 -22.36
C TYR A 283 -41.19 6.98 -21.69
N GLU A 284 -42.27 7.47 -21.08
CA GLU A 284 -42.21 8.77 -20.42
C GLU A 284 -41.32 8.69 -19.19
N THR A 285 -41.39 7.56 -18.51
CA THR A 285 -40.61 7.36 -17.31
C THR A 285 -39.16 7.11 -17.67
N ARG A 286 -38.92 6.32 -18.70
CA ARG A 286 -37.57 5.92 -19.00
C ARG A 286 -37.39 5.38 -20.44
N THR A 287 -36.44 5.94 -21.17
CA THR A 287 -36.36 5.70 -22.60
C THR A 287 -35.25 4.76 -23.03
N SER A 288 -34.24 4.55 -22.20
CA SER A 288 -33.17 3.59 -22.53
C SER A 288 -32.41 3.08 -21.30
N TYR A 289 -31.70 1.98 -21.44
CA TYR A 289 -31.04 1.32 -20.33
C TYR A 289 -29.71 0.85 -20.83
N VAL A 290 -28.76 0.72 -19.91
CA VAL A 290 -27.50 0.08 -20.20
C VAL A 290 -27.21 -0.95 -19.11
N LEU A 291 -27.29 -2.22 -19.45
CA LEU A 291 -27.02 -3.27 -18.50
C LEU A 291 -25.58 -3.69 -18.65
N ARG A 292 -24.92 -3.99 -17.51
CA ARG A 292 -23.62 -4.67 -17.52
C ARG A 292 -23.90 -6.12 -17.26
N VAL A 293 -23.53 -6.97 -18.21
CA VAL A 293 -23.73 -8.41 -18.06
C VAL A 293 -22.40 -9.10 -17.89
N GLN A 294 -22.43 -10.31 -17.36
CA GLN A 294 -21.20 -11.06 -17.13
C GLN A 294 -21.41 -12.55 -17.35
N ALA A 295 -20.37 -13.24 -17.81
CA ALA A 295 -20.42 -14.68 -17.97
C ALA A 295 -19.34 -15.37 -17.15
N ASP A 296 -19.72 -16.35 -16.34
CA ASP A 296 -18.75 -17.07 -15.49
C ASP A 296 -18.85 -18.55 -15.67
N SER A 297 -17.73 -19.23 -15.45
CA SER A 297 -17.71 -20.70 -15.50
C SER A 297 -18.39 -21.33 -14.29
N LEU A 298 -19.09 -22.44 -14.52
CA LEU A 298 -19.72 -23.17 -13.42
C LEU A 298 -18.70 -23.39 -12.32
N GLU A 299 -17.51 -23.84 -12.72
CA GLU A 299 -16.48 -24.13 -11.75
C GLU A 299 -16.22 -22.92 -10.84
N VAL A 300 -16.17 -21.73 -11.44
CA VAL A 300 -15.90 -20.52 -10.66
C VAL A 300 -17.07 -20.16 -9.76
N VAL A 301 -18.29 -20.31 -10.29
CA VAL A 301 -19.46 -20.05 -9.47
C VAL A 301 -19.51 -20.99 -8.27
N LEU A 302 -19.45 -22.30 -8.54
CA LEU A 302 -19.50 -23.28 -7.46
C LEU A 302 -18.40 -23.07 -6.42
N ALA A 303 -17.43 -22.22 -6.71
CA ALA A 303 -16.38 -21.95 -5.74
C ALA A 303 -16.63 -20.59 -5.09
N ASN A 304 -17.84 -20.07 -5.28
CA ASN A 304 -18.24 -18.77 -4.72
C ASN A 304 -17.27 -17.67 -5.07
N LEU A 305 -16.92 -17.61 -6.36
CA LEU A 305 -16.02 -16.59 -6.87
C LEU A 305 -16.65 -15.88 -8.06
N ARG A 306 -16.32 -14.61 -8.27
CA ARG A 306 -16.55 -14.00 -9.56
C ARG A 306 -15.22 -13.48 -10.11
N VAL A 307 -14.99 -13.65 -11.40
CA VAL A 307 -13.77 -13.16 -11.98
C VAL A 307 -14.06 -12.31 -13.20
N PRO A 308 -14.24 -11.00 -12.99
CA PRO A 308 -14.53 -10.10 -14.10
C PRO A 308 -13.28 -9.81 -14.90
N SER A 309 -13.31 -10.17 -16.17
CA SER A 309 -12.24 -9.92 -17.09
C SER A 309 -12.78 -9.06 -18.27
N LYS A 310 -11.91 -8.62 -19.17
CA LYS A 310 -12.29 -7.82 -20.32
C LYS A 310 -13.39 -8.54 -21.14
N SER A 311 -13.13 -9.82 -21.37
CA SER A 311 -13.90 -10.66 -22.30
C SER A 311 -15.15 -11.38 -21.75
N ASN A 312 -15.31 -11.48 -20.43
CA ASN A 312 -16.52 -12.08 -19.90
C ASN A 312 -17.46 -11.02 -19.31
N THR A 313 -17.21 -9.78 -19.69
CA THR A 313 -18.09 -8.68 -19.31
C THR A 313 -18.43 -7.92 -20.58
N ALA A 314 -19.69 -7.51 -20.68
CA ALA A 314 -20.18 -6.72 -21.81
C ALA A 314 -21.34 -5.83 -21.38
N LYS A 315 -21.69 -4.89 -22.25
CA LYS A 315 -22.79 -3.99 -22.02
C LYS A 315 -23.92 -4.32 -23.01
N VAL A 316 -25.16 -4.30 -22.51
CA VAL A 316 -26.33 -4.45 -23.37
C VAL A 316 -27.09 -3.13 -23.40
N TYR A 317 -27.23 -2.54 -24.57
CA TYR A 317 -27.98 -1.28 -24.68
C TYR A 317 -29.42 -1.57 -25.04
N ILE A 318 -30.34 -1.27 -24.14
CA ILE A 318 -31.76 -1.48 -24.42
C ILE A 318 -32.51 -0.17 -24.65
N GLU A 319 -33.11 -0.02 -25.82
CA GLU A 319 -33.82 1.20 -26.15
C GLU A 319 -35.32 0.96 -26.25
N ILE A 320 -36.10 1.79 -25.58
CA ILE A 320 -37.53 1.62 -25.58
C ILE A 320 -38.15 2.31 -26.77
N GLN A 321 -39.27 1.79 -27.24
CA GLN A 321 -39.96 2.38 -28.37
C GLN A 321 -41.20 3.08 -27.92
N ASP A 322 -41.28 4.37 -28.23
CA ASP A 322 -42.42 5.16 -27.86
C ASP A 322 -43.62 4.68 -28.65
N GLU A 323 -44.76 4.48 -27.98
CA GLU A 323 -45.98 4.08 -28.68
C GLU A 323 -47.06 5.20 -28.66
N ASN A 324 -46.78 6.29 -27.95
CA ASN A 324 -47.69 7.45 -27.84
C ASN A 324 -47.09 8.69 -28.46
N ASN A 325 -46.62 8.56 -29.68
CA ASN A 325 -45.91 9.62 -30.35
C ASN A 325 -46.60 9.97 -31.64
N HIS A 326 -47.53 10.93 -31.59
CA HIS A 326 -48.27 11.33 -32.79
C HIS A 326 -48.28 12.83 -32.85
N PRO A 327 -47.18 13.43 -33.28
CA PRO A 327 -47.15 14.89 -33.32
C PRO A 327 -48.16 15.35 -34.32
N PRO A 328 -48.77 16.52 -34.10
CA PRO A 328 -49.80 16.94 -35.02
C PRO A 328 -49.18 17.46 -36.32
N VAL A 329 -50.03 17.82 -37.27
CA VAL A 329 -49.54 18.17 -38.60
C VAL A 329 -48.76 19.46 -38.50
N PHE A 330 -49.35 20.44 -37.82
CA PHE A 330 -48.71 21.71 -37.52
C PHE A 330 -49.25 22.33 -36.23
N LEU A 331 -48.45 23.21 -35.63
CA LEU A 331 -48.74 23.72 -34.32
C LEU A 331 -48.56 25.23 -34.27
N GLU A 332 -49.49 25.95 -33.65
CA GLU A 332 -49.35 27.41 -33.55
C GLU A 332 -48.49 27.85 -32.33
N HIS A 333 -47.20 27.43 -32.35
CA HIS A 333 -46.27 27.40 -31.17
C HIS A 333 -45.37 28.64 -30.85
N HIS A 334 -45.40 29.03 -29.57
CA HIS A 334 -44.51 30.05 -28.97
C HIS A 334 -45.21 30.83 -27.84
#